data_7V18
#
_entry.id   7V18
#
_cell.length_a   58.500
_cell.length_b   59.790
_cell.length_c   66.630
_cell.angle_alpha   90.000
_cell.angle_beta   90.000
_cell.angle_gamma   90.000
#
_symmetry.space_group_name_H-M   'P 21 21 21'
#
loop_
_entity.id
_entity.type
_entity.pdbx_description
1 polymer 'Coagulation factor XIa light chain'
2 non-polymer 'CITRIC ACID'
3 non-polymer 2-[(1~{R})-3-[bis(fluoranyl)methoxy]-1-[4-(3-methyl-1,2,3-triazol-4-yl)pyrazol-1-yl]propyl]-5-[3-chloranyl-6-(4-chloranyl-1,2,3-triazol-1-yl)-2-fluoranyl-phenyl]-1-oxidanyl-pyridine
4 water water
#
_entity_poly.entity_id   1
_entity_poly.type   'polypeptide(L)'
_entity_poly.pdbx_seq_one_letter_code
;IVGGTASVRGEWPWQVTLHTTSPTQRHLCGGSIIGNQWILTAAHCFYGVESPKILRVYSGILNQSEIKEDTSFFGVQEII
IHDQYKMAESGYDIALLKLETTVNYTDSQRPISLPSKGDRNVIYTDCWVTGWGYRKLRDKIQNTLQKAKIPLVTNEECQK
RYRGHKITHKMICAGYREGGKDACKGDSGGPLSCKHNEVWHLVGITSWGEGCAQRERPGVYTNVVEYVDWILEKTQAV
;
_entity_poly.pdbx_strand_id   A
#
loop_
_chem_comp.id
_chem_comp.type
_chem_comp.name
_chem_comp.formula
CIT non-polymer 'CITRIC ACID' 'C6 H8 O7'
OTX non-polymer 2-[(1~{R})-3-[bis(fluoranyl)methoxy]-1-[4-(3-methyl-1,2,3-triazol-4-yl)pyrazol-1-yl]propyl]-5-[3-chloranyl-6-(4-chloranyl-1,2,3-triazol-1-yl)-2-fluoranyl-phenyl]-1-oxidanyl-pyridine 'C23 H18 Cl2 F3 N9 O2'
#
# COMPACT_ATOMS: atom_id res chain seq x y z
N ILE A 1 -3.76 8.61 6.72
CA ILE A 1 -5.17 8.46 6.39
C ILE A 1 -5.95 9.65 6.93
N VAL A 2 -6.66 10.35 6.06
CA VAL A 2 -7.52 11.43 6.49
C VAL A 2 -8.95 10.90 6.60
N GLY A 3 -9.68 11.39 7.59
CA GLY A 3 -11.05 10.96 7.78
C GLY A 3 -11.21 9.56 8.30
N GLY A 4 -10.14 8.96 8.83
CA GLY A 4 -10.16 7.58 9.26
C GLY A 4 -10.32 7.42 10.77
N THR A 5 -10.11 6.19 11.21
CA THR A 5 -10.18 5.85 12.63
C THR A 5 -9.07 4.87 12.95
N ALA A 6 -8.72 4.79 14.23
CA ALA A 6 -7.67 3.89 14.67
C ALA A 6 -8.08 2.44 14.46
N SER A 7 -7.11 1.61 14.11
CA SER A 7 -7.29 0.16 14.03
C SER A 7 -6.97 -0.48 15.37
N VAL A 8 -7.31 -1.76 15.49
CA VAL A 8 -6.98 -2.53 16.68
C VAL A 8 -6.00 -3.62 16.27
N ARG A 9 -5.39 -4.24 17.28
CA ARG A 9 -4.37 -5.24 17.02
C ARG A 9 -4.96 -6.41 16.24
N GLY A 10 -4.23 -6.85 15.20
CA GLY A 10 -4.62 -8.00 14.41
C GLY A 10 -5.62 -7.74 13.31
N GLU A 11 -6.07 -6.49 13.14
CA GLU A 11 -7.17 -6.19 12.24
C GLU A 11 -6.73 -6.19 10.77
N TRP A 12 -5.49 -5.78 10.50
CA TRP A 12 -4.92 -5.73 9.16
C TRP A 12 -3.58 -6.45 9.16
N PRO A 13 -3.58 -7.77 9.34
CA PRO A 13 -2.33 -8.49 9.61
C PRO A 13 -1.38 -8.59 8.42
N TRP A 14 -1.81 -8.19 7.22
CA TRP A 14 -0.91 -8.14 6.07
C TRP A 14 -0.20 -6.81 5.95
N GLN A 15 -0.58 -5.82 6.76
CA GLN A 15 0.03 -4.49 6.70
C GLN A 15 1.39 -4.49 7.38
N VAL A 16 2.40 -3.99 6.67
CA VAL A 16 3.73 -3.83 7.26
C VAL A 16 4.10 -2.35 7.22
N THR A 17 5.11 -2.02 8.01
CA THR A 17 5.74 -0.71 7.95
C THR A 17 7.18 -0.92 7.53
N LEU A 18 7.56 -0.31 6.43
CA LEU A 18 8.89 -0.38 5.88
C LEU A 18 9.65 0.82 6.41
N HIS A 19 10.75 0.57 7.10
CA HIS A 19 11.58 1.64 7.62
C HIS A 19 12.86 1.76 6.81
N THR A 20 13.34 3.00 6.65
CA THR A 20 14.71 3.23 6.25
C THR A 20 15.55 3.47 7.49
N THR A 21 16.86 3.22 7.38
CA THR A 21 17.77 3.45 8.51
C THR A 21 18.86 4.45 8.17
N SER A 22 18.60 5.34 7.21
CA SER A 22 19.62 6.28 6.78
C SER A 22 18.96 7.55 6.30
N PRO A 23 19.42 8.70 6.83
CA PRO A 23 20.45 8.89 7.86
C PRO A 23 19.99 8.56 9.27
N THR A 24 18.69 8.35 9.43
CA THR A 24 18.14 7.98 10.73
C THR A 24 16.97 7.05 10.48
N GLN A 25 16.58 6.29 11.49
CA GLN A 25 15.53 5.31 11.29
C GLN A 25 14.16 5.98 11.35
N ARG A 26 13.33 5.72 10.33
CA ARG A 26 12.01 6.34 10.22
C ARG A 26 11.13 5.51 9.29
N HIS A 27 9.83 5.59 9.53
CA HIS A 27 8.87 5.00 8.60
C HIS A 27 9.02 5.63 7.23
N LEU A 28 9.10 4.79 6.22
CA LEU A 28 9.23 5.17 4.81
C LEU A 28 7.95 4.95 4.02
N CYS A 29 7.39 3.74 4.10
CA CYS A 29 6.23 3.38 3.31
C CYS A 29 5.49 2.27 4.01
N GLY A 30 4.26 2.08 3.60
CA GLY A 30 3.56 0.85 3.95
C GLY A 30 3.83 -0.22 2.91
N GLY A 31 3.33 -1.42 3.19
CA GLY A 31 3.47 -2.52 2.25
C GLY A 31 2.55 -3.63 2.71
N SER A 32 2.47 -4.70 1.89
CA SER A 32 1.54 -5.80 2.14
C SER A 32 2.24 -7.13 2.04
N ILE A 33 2.04 -8.00 3.03
CA ILE A 33 2.53 -9.38 2.94
C ILE A 33 1.71 -10.14 1.91
N ILE A 34 2.38 -10.70 0.89
CA ILE A 34 1.71 -11.57 -0.07
C ILE A 34 2.30 -12.97 -0.10
N GLY A 35 3.43 -13.21 0.55
CA GLY A 35 3.94 -14.57 0.64
C GLY A 35 4.86 -14.61 1.83
N ASN A 36 5.30 -15.83 2.17
CA ASN A 36 6.13 -15.97 3.37
C ASN A 36 7.42 -15.17 3.26
N GLN A 37 7.87 -14.89 2.04
CA GLN A 37 9.13 -14.16 1.82
CA GLN A 37 9.11 -14.11 1.89
C GLN A 37 8.92 -12.90 0.98
N TRP A 38 7.68 -12.44 0.80
CA TRP A 38 7.38 -11.42 -0.20
C TRP A 38 6.47 -10.31 0.31
N ILE A 39 6.89 -9.06 0.09
CA ILE A 39 6.10 -7.86 0.37
C ILE A 39 5.83 -7.13 -0.93
N LEU A 40 4.61 -6.62 -1.10
CA LEU A 40 4.27 -5.82 -2.26
C LEU A 40 4.12 -4.38 -1.81
N THR A 41 4.80 -3.46 -2.49
CA THR A 41 4.77 -2.06 -2.09
C THR A 41 4.85 -1.21 -3.36
N ALA A 42 5.05 0.11 -3.20
CA ALA A 42 5.15 1.01 -4.33
C ALA A 42 6.61 1.24 -4.73
N ALA A 43 6.85 1.35 -6.04
CA ALA A 43 8.22 1.59 -6.50
C ALA A 43 8.76 2.93 -6.04
N HIS A 44 7.91 3.95 -5.94
CA HIS A 44 8.40 5.29 -5.61
C HIS A 44 8.98 5.37 -4.21
N CYS A 45 8.68 4.38 -3.36
CA CYS A 45 9.25 4.35 -2.02
C CYS A 45 10.76 4.34 -2.04
N PHE A 46 11.38 3.88 -3.12
CA PHE A 46 12.81 3.65 -3.12
C PHE A 46 13.61 4.75 -3.81
N TYR A 47 12.98 5.88 -4.09
CA TYR A 47 13.70 7.03 -4.59
C TYR A 47 14.74 7.46 -3.56
N GLY A 48 16.01 7.41 -3.95
CA GLY A 48 17.02 7.75 -2.98
C GLY A 48 17.32 6.73 -1.90
N VAL A 49 16.75 5.52 -1.97
CA VAL A 49 17.22 4.41 -1.16
C VAL A 49 18.47 3.86 -1.84
N GLU A 50 19.62 3.94 -1.15
CA GLU A 50 20.89 3.57 -1.78
C GLU A 50 20.98 2.08 -2.08
N SER A 51 20.36 1.25 -1.24
CA SER A 51 20.37 -0.20 -1.44
C SER A 51 19.47 -0.90 -0.44
N PRO A 52 19.17 -2.18 -0.64
CA PRO A 52 18.32 -2.88 0.34
C PRO A 52 18.95 -2.96 1.72
N LYS A 53 20.26 -2.72 1.84
CA LYS A 53 20.96 -2.88 3.10
C LYS A 53 20.36 -2.02 4.20
N ILE A 54 19.77 -0.87 3.86
CA ILE A 54 19.32 0.06 4.89
C ILE A 54 17.84 -0.09 5.21
N LEU A 55 17.17 -1.09 4.63
CA LEU A 55 15.75 -1.28 4.85
C LEU A 55 15.50 -2.25 5.99
N ARG A 56 14.41 -2.01 6.71
CA ARG A 56 13.89 -2.92 7.73
C ARG A 56 12.39 -3.03 7.53
N VAL A 57 11.88 -4.26 7.43
CA VAL A 57 10.45 -4.53 7.32
C VAL A 57 9.95 -5.00 8.68
N TYR A 58 9.00 -4.25 9.25
CA TYR A 58 8.39 -4.60 10.52
C TYR A 58 6.97 -5.09 10.27
N SER A 59 6.68 -6.31 10.72
CA SER A 59 5.31 -6.81 10.67
C SER A 59 4.80 -6.97 12.09
N GLY A 60 3.49 -7.11 12.19
CA GLY A 60 2.86 -7.27 13.48
C GLY A 60 2.74 -6.00 14.28
N ILE A 61 2.88 -4.84 13.65
CA ILE A 61 2.96 -3.56 14.35
C ILE A 61 1.63 -2.85 14.28
N LEU A 62 1.11 -2.44 15.44
CA LEU A 62 -0.02 -1.51 15.53
C LEU A 62 0.47 -0.08 15.72
N ASN A 63 1.27 0.16 16.75
CA ASN A 63 1.79 1.46 17.09
C ASN A 63 3.26 1.54 16.70
N GLN A 64 3.63 2.60 15.97
CA GLN A 64 5.04 2.80 15.66
C GLN A 64 5.90 2.82 16.93
N SER A 65 5.33 3.25 18.06
CA SER A 65 6.08 3.31 19.31
C SER A 65 6.42 1.93 19.87
N GLU A 66 5.89 0.84 19.29
CA GLU A 66 6.32 -0.50 19.67
C GLU A 66 7.71 -0.84 19.16
N ILE A 67 8.23 -0.08 18.20
CA ILE A 67 9.48 -0.44 17.55
C ILE A 67 10.63 0.12 18.37
N LYS A 68 11.41 -0.77 18.97
CA LYS A 68 12.56 -0.43 19.80
C LYS A 68 13.80 -1.13 19.25
N GLU A 69 14.94 -0.89 19.89
CA GLU A 69 16.20 -1.40 19.38
C GLU A 69 16.26 -2.92 19.36
N ASP A 70 15.40 -3.59 20.12
CA ASP A 70 15.36 -5.05 20.16
C ASP A 70 14.17 -5.63 19.43
N THR A 71 13.35 -4.81 18.78
CA THR A 71 12.18 -5.31 18.04
C THR A 71 12.65 -6.06 16.80
N SER A 72 12.12 -7.27 16.61
N SER A 72 12.11 -7.26 16.60
CA SER A 72 12.53 -8.06 15.46
CA SER A 72 12.54 -8.08 15.47
C SER A 72 12.01 -7.45 14.18
C SER A 72 11.98 -7.50 14.17
N PHE A 73 12.80 -7.55 13.12
CA PHE A 73 12.41 -7.08 11.80
C PHE A 73 12.98 -8.04 10.75
N PHE A 74 12.51 -7.91 9.51
CA PHE A 74 13.03 -8.73 8.42
C PHE A 74 13.98 -7.89 7.58
N GLY A 75 15.15 -8.46 7.27
CA GLY A 75 16.00 -7.84 6.27
C GLY A 75 15.43 -8.04 4.88
N VAL A 76 15.88 -7.18 3.96
CA VAL A 76 15.44 -7.23 2.57
C VAL A 76 16.59 -7.75 1.72
N GLN A 77 16.33 -8.84 0.99
CA GLN A 77 17.33 -9.46 0.15
C GLN A 77 17.42 -8.79 -1.21
N GLU A 78 16.30 -8.30 -1.73
CA GLU A 78 16.27 -7.73 -3.07
C GLU A 78 15.06 -6.80 -3.16
N ILE A 79 15.22 -5.66 -3.83
CA ILE A 79 14.10 -4.81 -4.22
C ILE A 79 13.88 -5.01 -5.71
N ILE A 80 12.69 -5.44 -6.09
CA ILE A 80 12.37 -5.73 -7.48
C ILE A 80 11.39 -4.67 -7.96
N ILE A 81 11.87 -3.73 -8.77
CA ILE A 81 11.02 -2.64 -9.27
C ILE A 81 10.64 -2.93 -10.71
N HIS A 82 9.38 -2.67 -11.06
CA HIS A 82 8.92 -2.90 -12.43
C HIS A 82 9.80 -2.17 -13.43
N ASP A 83 10.13 -2.86 -14.53
CA ASP A 83 11.09 -2.34 -15.51
C ASP A 83 10.66 -1.01 -16.10
N GLN A 84 9.37 -0.77 -16.20
CA GLN A 84 8.87 0.42 -16.89
C GLN A 84 8.59 1.58 -15.96
N TYR A 85 8.84 1.41 -14.65
CA TYR A 85 8.60 2.48 -13.70
C TYR A 85 9.51 3.68 -13.96
N LYS A 86 8.92 4.87 -14.01
CA LYS A 86 9.64 6.14 -14.07
C LYS A 86 9.30 7.06 -12.89
N MET A 87 8.02 7.33 -12.66
CA MET A 87 7.60 8.08 -11.47
C MET A 87 6.16 7.71 -11.19
N ALA A 88 5.73 7.95 -9.95
CA ALA A 88 4.42 7.45 -9.51
C ALA A 88 3.31 7.88 -10.46
N GLU A 89 3.30 9.17 -10.84
CA GLU A 89 2.17 9.71 -11.60
C GLU A 89 2.06 9.12 -12.99
N SER A 90 3.08 8.42 -13.50
CA SER A 90 3.00 7.88 -14.84
C SER A 90 2.86 6.36 -14.87
N GLY A 91 2.64 5.73 -13.71
CA GLY A 91 2.26 4.33 -13.67
C GLY A 91 3.41 3.41 -13.37
N TYR A 92 3.09 2.12 -13.41
CA TYR A 92 4.02 1.02 -13.11
C TYR A 92 4.59 1.15 -11.71
N ASP A 93 3.83 1.70 -10.78
CA ASP A 93 4.34 2.02 -9.45
C ASP A 93 4.13 0.80 -8.55
N ILE A 94 5.05 -0.16 -8.69
CA ILE A 94 4.92 -1.44 -8.01
C ILE A 94 6.31 -2.02 -7.80
N ALA A 95 6.51 -2.62 -6.64
CA ALA A 95 7.79 -3.19 -6.27
C ALA A 95 7.56 -4.38 -5.37
N LEU A 96 8.38 -5.40 -5.57
CA LEU A 96 8.42 -6.54 -4.66
C LEU A 96 9.65 -6.43 -3.79
N LEU A 97 9.48 -6.75 -2.51
CA LEU A 97 10.59 -6.94 -1.60
C LEU A 97 10.69 -8.44 -1.31
N LYS A 98 11.83 -9.04 -1.61
CA LYS A 98 12.12 -10.40 -1.20
C LYS A 98 12.83 -10.33 0.15
N LEU A 99 12.23 -10.92 1.18
CA LEU A 99 12.84 -10.91 2.51
C LEU A 99 13.99 -11.91 2.60
N GLU A 100 14.83 -11.72 3.63
CA GLU A 100 15.98 -12.61 3.78
C GLU A 100 15.56 -13.99 4.24
N THR A 101 14.45 -14.10 4.97
CA THR A 101 13.96 -15.37 5.48
C THR A 101 12.45 -15.38 5.30
N THR A 102 11.79 -16.44 5.78
CA THR A 102 10.36 -16.61 5.61
C THR A 102 9.59 -16.10 6.83
N VAL A 103 8.55 -15.30 6.59
CA VAL A 103 7.60 -14.98 7.64
C VAL A 103 6.90 -16.26 8.06
N ASN A 104 7.00 -16.60 9.33
CA ASN A 104 6.07 -17.59 9.88
C ASN A 104 4.78 -16.86 10.20
N TYR A 105 3.70 -17.23 9.50
CA TYR A 105 2.44 -16.55 9.69
C TYR A 105 1.90 -16.78 11.10
N THR A 106 1.35 -15.73 11.69
CA THR A 106 0.72 -15.77 13.01
C THR A 106 -0.54 -14.93 12.93
N ASP A 107 -1.27 -14.87 14.05
CA ASP A 107 -2.46 -14.04 14.13
C ASP A 107 -2.21 -12.59 13.69
N SER A 108 -1.02 -12.05 13.96
CA SER A 108 -0.73 -10.65 13.65
C SER A 108 0.07 -10.46 12.36
N GLN A 109 0.46 -11.54 11.66
CA GLN A 109 1.25 -11.44 10.45
C GLN A 109 0.72 -12.49 9.48
N ARG A 110 -0.08 -12.06 8.51
CA ARG A 110 -0.78 -12.97 7.61
C ARG A 110 -0.68 -12.41 6.21
N PRO A 111 -0.77 -13.27 5.19
CA PRO A 111 -0.77 -12.78 3.82
C PRO A 111 -2.17 -12.37 3.38
N ILE A 112 -2.24 -11.47 2.39
CA ILE A 112 -3.48 -11.16 1.71
C ILE A 112 -3.41 -11.73 0.30
N SER A 113 -4.55 -12.25 -0.19
CA SER A 113 -4.62 -12.85 -1.51
CA SER A 113 -4.64 -12.84 -1.51
C SER A 113 -4.57 -11.77 -2.60
N LEU A 114 -3.99 -12.13 -3.74
CA LEU A 114 -4.07 -11.28 -4.91
C LEU A 114 -5.46 -11.40 -5.52
N PRO A 115 -5.89 -10.43 -6.33
CA PRO A 115 -7.16 -10.57 -7.04
C PRO A 115 -7.15 -11.82 -7.90
N SER A 116 -8.26 -12.56 -7.87
CA SER A 116 -8.25 -13.95 -8.33
C SER A 116 -8.40 -14.04 -9.84
N LYS A 117 -7.99 -15.18 -10.37
CA LYS A 117 -8.14 -15.51 -11.78
C LYS A 117 -9.63 -15.68 -12.09
N GLY A 118 -10.19 -14.75 -12.86
CA GLY A 118 -11.60 -14.78 -13.19
C GLY A 118 -12.44 -13.77 -12.44
N ASP A 119 -11.83 -12.89 -11.65
CA ASP A 119 -12.55 -11.86 -10.92
C ASP A 119 -12.29 -10.47 -11.48
N ARG A 120 -11.80 -10.38 -12.72
CA ARG A 120 -11.47 -9.08 -13.29
C ARG A 120 -12.70 -8.20 -13.49
N ASN A 121 -13.89 -8.79 -13.55
CA ASN A 121 -15.13 -8.04 -13.74
C ASN A 121 -15.97 -7.94 -12.48
N VAL A 122 -15.39 -8.24 -11.31
CA VAL A 122 -16.08 -8.06 -10.05
C VAL A 122 -16.11 -6.57 -9.71
N ILE A 123 -17.23 -6.11 -9.16
CA ILE A 123 -17.38 -4.74 -8.70
C ILE A 123 -17.18 -4.74 -7.19
N TYR A 124 -16.01 -4.27 -6.75
CA TYR A 124 -15.69 -4.25 -5.34
C TYR A 124 -16.37 -3.07 -4.65
N THR A 125 -17.17 -3.37 -3.62
CA THR A 125 -17.89 -2.35 -2.88
C THR A 125 -17.46 -2.22 -1.41
N ASP A 126 -16.51 -3.03 -0.94
CA ASP A 126 -16.06 -2.99 0.46
C ASP A 126 -14.54 -2.83 0.50
N CYS A 127 -14.06 -1.63 0.21
CA CYS A 127 -12.64 -1.38 0.07
C CYS A 127 -12.14 -0.41 1.14
N TRP A 128 -10.93 -0.66 1.62
CA TRP A 128 -10.37 0.05 2.77
C TRP A 128 -8.92 0.39 2.49
N VAL A 129 -8.51 1.60 2.87
CA VAL A 129 -7.12 2.00 2.81
C VAL A 129 -6.62 2.19 4.24
N THR A 130 -5.39 1.76 4.50
CA THR A 130 -4.83 1.71 5.84
C THR A 130 -3.41 2.26 5.84
N GLY A 131 -3.00 2.87 6.96
CA GLY A 131 -1.63 3.32 7.03
C GLY A 131 -1.37 4.23 8.21
N TRP A 132 -0.09 4.55 8.37
CA TRP A 132 0.39 5.45 9.42
C TRP A 132 0.58 6.88 8.91
N GLY A 133 -0.01 7.22 7.78
CA GLY A 133 0.23 8.52 7.20
C GLY A 133 -0.50 9.67 7.88
N TYR A 134 -0.26 10.85 7.32
CA TYR A 134 -0.82 12.11 7.80
C TYR A 134 -2.34 12.07 7.84
N ARG A 135 -2.91 12.79 8.81
CA ARG A 135 -4.36 12.96 8.88
C ARG A 135 -4.83 14.23 8.17
N LYS A 136 -3.91 15.12 7.81
CA LYS A 136 -4.15 16.32 7.01
C LYS A 136 -2.90 16.60 6.20
N LEU A 137 -2.99 17.59 5.30
CA LEU A 137 -1.84 17.86 4.44
C LEU A 137 -0.62 18.32 5.23
N ARG A 138 -0.82 19.06 6.31
CA ARG A 138 0.28 19.56 7.15
C ARG A 138 0.20 18.84 8.50
N ASP A 139 0.73 17.61 8.54
CA ASP A 139 0.57 16.79 9.73
C ASP A 139 1.86 16.06 10.09
N LYS A 140 1.74 14.83 10.57
CA LYS A 140 2.87 14.02 11.00
C LYS A 140 2.52 12.55 10.83
N ILE A 141 3.56 11.71 10.78
CA ILE A 141 3.31 10.28 10.79
C ILE A 141 2.62 9.90 12.10
N GLN A 142 1.58 9.09 12.00
CA GLN A 142 0.74 8.71 13.13
C GLN A 142 1.34 7.52 13.88
N ASN A 143 1.09 7.48 15.18
CA ASN A 143 1.54 6.35 15.97
C ASN A 143 0.71 5.10 15.68
N THR A 144 -0.61 5.24 15.72
CA THR A 144 -1.50 4.10 15.58
C THR A 144 -1.99 3.97 14.14
N LEU A 145 -1.91 2.74 13.61
CA LEU A 145 -2.40 2.42 12.28
C LEU A 145 -3.86 2.87 12.12
N GLN A 146 -4.14 3.60 11.03
CA GLN A 146 -5.47 4.11 10.74
C GLN A 146 -6.10 3.36 9.57
N LYS A 147 -7.42 3.40 9.51
CA LYS A 147 -8.18 2.74 8.46
C LYS A 147 -9.29 3.68 7.98
N ALA A 148 -9.69 3.53 6.72
CA ALA A 148 -10.79 4.31 6.16
C ALA A 148 -11.44 3.54 5.01
N LYS A 149 -12.76 3.45 5.02
CA LYS A 149 -13.50 2.85 3.91
C LYS A 149 -13.69 3.87 2.80
N ILE A 150 -13.31 3.49 1.59
CA ILE A 150 -13.33 4.43 0.47
CA ILE A 150 -13.33 4.43 0.47
C ILE A 150 -13.93 3.76 -0.76
N PRO A 151 -14.82 4.42 -1.49
CA PRO A 151 -15.42 3.78 -2.66
C PRO A 151 -14.55 3.91 -3.90
N LEU A 152 -14.55 2.84 -4.71
CA LEU A 152 -13.84 2.88 -5.98
C LEU A 152 -14.63 3.75 -6.97
N VAL A 153 -13.89 4.46 -7.83
CA VAL A 153 -14.53 5.22 -8.89
C VAL A 153 -14.11 4.64 -10.23
N THR A 154 -14.90 4.93 -11.26
CA THR A 154 -14.56 4.38 -12.56
C THR A 154 -13.33 5.05 -13.15
N ASN A 155 -12.63 4.33 -14.03
CA ASN A 155 -11.47 4.93 -14.69
C ASN A 155 -11.89 6.12 -15.56
N GLU A 156 -13.10 6.09 -16.13
CA GLU A 156 -13.57 7.23 -16.92
C GLU A 156 -13.66 8.47 -16.04
N GLU A 157 -14.29 8.34 -14.87
CA GLU A 157 -14.37 9.49 -13.98
C GLU A 157 -13.00 9.92 -13.51
N CYS A 158 -12.16 8.95 -13.17
CA CYS A 158 -10.84 9.31 -12.67
C CYS A 158 -10.05 10.09 -13.70
N GLN A 159 -10.11 9.68 -14.97
CA GLN A 159 -9.39 10.41 -16.02
C GLN A 159 -9.94 11.82 -16.16
N LYS A 160 -11.25 11.99 -15.99
CA LYS A 160 -11.86 13.31 -16.06
C LYS A 160 -11.31 14.23 -14.97
N ARG A 161 -10.96 13.67 -13.81
CA ARG A 161 -10.43 14.46 -12.71
C ARG A 161 -8.96 14.78 -12.86
N TYR A 162 -8.24 14.01 -13.68
CA TYR A 162 -6.80 14.13 -13.86
C TYR A 162 -6.47 14.23 -15.35
N ARG A 163 -6.99 15.26 -16.03
CA ARG A 163 -6.82 15.36 -17.47
C ARG A 163 -5.37 15.65 -17.86
N GLY A 164 -4.51 15.93 -16.90
CA GLY A 164 -3.10 16.12 -17.19
C GLY A 164 -2.27 14.87 -16.97
N HIS A 165 -2.89 13.77 -16.59
CA HIS A 165 -2.21 12.50 -16.39
C HIS A 165 -2.83 11.44 -17.28
N LYS A 166 -2.09 10.37 -17.51
CA LYS A 166 -2.60 9.22 -18.25
C LYS A 166 -3.12 8.22 -17.22
N ILE A 167 -4.43 8.17 -17.06
CA ILE A 167 -5.08 7.17 -16.23
C ILE A 167 -5.40 5.98 -17.14
N THR A 168 -4.67 4.89 -16.96
CA THR A 168 -4.80 3.70 -17.80
C THR A 168 -5.49 2.60 -17.00
N HIS A 169 -5.76 1.48 -17.69
CA HIS A 169 -6.35 0.32 -17.03
C HIS A 169 -5.45 -0.25 -15.93
N LYS A 170 -4.18 0.14 -15.87
CA LYS A 170 -3.25 -0.32 -14.84
C LYS A 170 -3.33 0.49 -13.56
N MET A 171 -4.24 1.46 -13.50
CA MET A 171 -4.50 2.23 -12.31
C MET A 171 -5.96 2.05 -11.89
N ILE A 172 -6.23 2.29 -10.62
CA ILE A 172 -7.59 2.30 -10.09
C ILE A 172 -7.68 3.45 -9.11
N CYS A 173 -8.79 4.17 -9.13
CA CYS A 173 -8.94 5.34 -8.28
C CYS A 173 -10.02 5.13 -7.23
N ALA A 174 -9.91 5.86 -6.13
CA ALA A 174 -10.85 5.69 -5.02
C ALA A 174 -10.98 6.99 -4.22
N GLY A 175 -12.21 7.36 -3.92
CA GLY A 175 -12.47 8.60 -3.22
C GLY A 175 -13.92 8.99 -3.30
N TYR A 176 -14.33 9.84 -2.37
CA TYR A 176 -15.67 10.42 -2.37
C TYR A 176 -15.69 11.68 -3.23
N ARG A 177 -16.80 11.90 -3.92
CA ARG A 177 -16.94 13.11 -4.73
C ARG A 177 -16.71 14.36 -3.89
N GLU A 178 -17.24 14.39 -2.68
N GLU A 178 -17.23 14.38 -2.67
CA GLU A 178 -17.10 15.53 -1.79
CA GLU A 178 -17.12 15.50 -1.76
C GLU A 178 -15.80 15.51 -0.97
C GLU A 178 -15.82 15.49 -0.95
N GLY A 179 -14.97 14.49 -1.13
CA GLY A 179 -13.74 14.40 -0.36
C GLY A 179 -13.97 13.98 1.08
N GLY A 180 -12.90 14.13 1.88
CA GLY A 180 -12.95 13.91 3.32
C GLY A 180 -12.25 12.65 3.80
N LYS A 181 -12.10 11.64 2.93
CA LYS A 181 -11.42 10.41 3.27
C LYS A 181 -10.47 10.04 2.14
N ASP A 182 -9.21 9.78 2.49
CA ASP A 182 -8.20 9.50 1.48
C ASP A 182 -6.92 9.06 2.18
N ALA A 183 -6.01 8.49 1.39
CA ALA A 183 -4.63 8.36 1.84
C ALA A 183 -3.94 9.72 1.82
N CYS A 184 -2.85 9.83 2.56
CA CYS A 184 -2.06 11.06 2.57
C CYS A 184 -0.60 10.66 2.79
N LYS A 185 0.25 11.66 3.06
CA LYS A 185 1.68 11.43 3.13
C LYS A 185 2.02 10.37 4.16
N GLY A 186 2.73 9.34 3.72
CA GLY A 186 3.12 8.24 4.60
C GLY A 186 2.28 7.00 4.43
N ASP A 187 1.17 7.07 3.70
CA ASP A 187 0.38 5.89 3.43
C ASP A 187 0.84 5.13 2.20
N SER A 188 1.62 5.76 1.33
CA SER A 188 1.93 5.14 0.05
C SER A 188 2.66 3.82 0.23
N GLY A 189 2.50 2.95 -0.77
CA GLY A 189 2.97 1.58 -0.69
C GLY A 189 2.06 0.62 0.04
N GLY A 190 1.19 1.10 0.93
CA GLY A 190 0.28 0.23 1.64
C GLY A 190 -0.88 -0.24 0.78
N PRO A 191 -1.72 -1.09 1.37
CA PRO A 191 -2.78 -1.74 0.61
C PRO A 191 -4.04 -0.91 0.46
N LEU A 192 -4.70 -1.11 -0.69
CA LEU A 192 -6.13 -0.90 -0.86
C LEU A 192 -6.73 -2.30 -0.84
N SER A 193 -7.35 -2.66 0.28
CA SER A 193 -7.84 -4.02 0.54
C SER A 193 -9.35 -4.04 0.37
N CYS A 194 -9.84 -4.96 -0.45
CA CYS A 194 -11.27 -5.07 -0.66
C CYS A 194 -11.73 -6.48 -0.30
N LYS A 195 -12.86 -6.57 0.38
CA LYS A 195 -13.41 -7.85 0.81
C LYS A 195 -14.48 -8.31 -0.17
N HIS A 196 -14.37 -9.54 -0.64
CA HIS A 196 -15.34 -10.10 -1.57
C HIS A 196 -15.59 -11.55 -1.19
N ASN A 197 -16.85 -11.90 -0.97
CA ASN A 197 -17.20 -13.22 -0.48
C ASN A 197 -16.46 -13.51 0.83
N GLU A 198 -16.31 -12.48 1.65
CA GLU A 198 -15.66 -12.54 2.97
C GLU A 198 -14.21 -12.95 2.89
N VAL A 199 -13.58 -12.81 1.73
CA VAL A 199 -12.14 -12.98 1.58
C VAL A 199 -11.52 -11.64 1.17
N TRP A 200 -10.40 -11.29 1.80
CA TRP A 200 -9.73 -10.03 1.48
C TRP A 200 -8.80 -10.18 0.28
N HIS A 201 -8.86 -9.21 -0.64
CA HIS A 201 -8.00 -9.18 -1.82
C HIS A 201 -7.25 -7.87 -1.89
N LEU A 202 -5.98 -7.96 -2.28
CA LEU A 202 -5.14 -6.78 -2.45
C LEU A 202 -5.45 -6.17 -3.80
N VAL A 203 -6.37 -5.19 -3.83
CA VAL A 203 -6.82 -4.62 -5.10
C VAL A 203 -5.91 -3.50 -5.57
N GLY A 204 -5.43 -2.66 -4.65
CA GLY A 204 -4.58 -1.55 -5.03
C GLY A 204 -3.38 -1.42 -4.13
N ILE A 205 -2.39 -0.68 -4.66
CA ILE A 205 -1.26 -0.17 -3.90
C ILE A 205 -1.37 1.36 -3.88
N THR A 206 -1.36 1.93 -2.70
CA THR A 206 -1.46 3.38 -2.57
C THR A 206 -0.30 4.09 -3.30
N SER A 207 -0.63 4.98 -4.25
CA SER A 207 0.39 5.51 -5.17
C SER A 207 0.50 7.03 -5.16
N TRP A 208 -0.54 7.79 -5.54
CA TRP A 208 -0.41 9.25 -5.63
C TRP A 208 -1.80 9.89 -5.68
N GLY A 209 -1.81 11.20 -5.55
CA GLY A 209 -3.03 11.97 -5.67
C GLY A 209 -2.71 13.46 -5.62
N GLU A 210 -3.71 14.27 -5.97
CA GLU A 210 -3.60 15.73 -5.89
C GLU A 210 -4.06 16.18 -4.51
N GLY A 211 -3.11 16.57 -3.65
CA GLY A 211 -3.54 16.86 -2.28
C GLY A 211 -4.12 15.61 -1.61
N CYS A 212 -4.74 15.84 -0.45
CA CYS A 212 -5.29 14.75 0.36
C CYS A 212 -6.76 15.00 0.63
N ALA A 213 -7.60 14.06 0.19
CA ALA A 213 -9.05 14.10 0.40
C ALA A 213 -9.68 15.38 -0.12
N GLN A 214 -9.19 15.90 -1.24
CA GLN A 214 -9.85 17.06 -1.78
C GLN A 214 -11.05 16.64 -2.62
N ARG A 215 -11.99 17.57 -2.80
CA ARG A 215 -13.17 17.27 -3.59
C ARG A 215 -12.78 16.93 -5.02
N GLU A 216 -13.37 15.86 -5.54
CA GLU A 216 -13.25 15.45 -6.93
C GLU A 216 -11.79 15.19 -7.33
N ARG A 217 -10.96 14.80 -6.36
CA ARG A 217 -9.57 14.41 -6.60
C ARG A 217 -9.34 13.09 -5.90
N PRO A 218 -9.74 11.99 -6.52
CA PRO A 218 -9.56 10.69 -5.88
C PRO A 218 -8.09 10.31 -5.78
N GLY A 219 -7.79 9.48 -4.77
CA GLY A 219 -6.50 8.85 -4.74
C GLY A 219 -6.34 7.85 -5.87
N VAL A 220 -5.11 7.70 -6.32
CA VAL A 220 -4.78 6.83 -7.46
C VAL A 220 -3.95 5.68 -6.94
N TYR A 221 -4.29 4.47 -7.35
CA TYR A 221 -3.70 3.27 -6.81
C TYR A 221 -3.20 2.41 -7.97
N THR A 222 -2.10 1.69 -7.75
CA THR A 222 -1.70 0.70 -8.75
C THR A 222 -2.73 -0.44 -8.77
N ASN A 223 -3.27 -0.75 -9.95
CA ASN A 223 -4.31 -1.78 -10.13
C ASN A 223 -3.64 -3.15 -10.13
N VAL A 224 -3.63 -3.79 -8.96
CA VAL A 224 -2.83 -5.00 -8.72
C VAL A 224 -3.24 -6.14 -9.65
N VAL A 225 -4.54 -6.27 -9.99
CA VAL A 225 -4.96 -7.40 -10.85
C VAL A 225 -4.23 -7.39 -12.18
N GLU A 226 -3.88 -6.20 -12.68
CA GLU A 226 -3.19 -6.08 -13.95
C GLU A 226 -1.71 -6.40 -13.85
N TYR A 227 -1.20 -6.65 -12.64
CA TYR A 227 0.19 -6.98 -12.43
C TYR A 227 0.37 -8.41 -11.92
N VAL A 228 -0.69 -9.23 -11.91
CA VAL A 228 -0.57 -10.55 -11.30
C VAL A 228 0.43 -11.41 -12.06
N ASP A 229 0.40 -11.37 -13.40
CA ASP A 229 1.36 -12.14 -14.17
C ASP A 229 2.79 -11.72 -13.85
N TRP A 230 3.01 -10.41 -13.69
CA TRP A 230 4.33 -9.91 -13.35
C TRP A 230 4.77 -10.38 -11.97
N ILE A 231 3.86 -10.36 -10.99
CA ILE A 231 4.16 -10.83 -9.65
C ILE A 231 4.50 -12.32 -9.68
N LEU A 232 3.66 -13.12 -10.35
CA LEU A 232 3.89 -14.56 -10.36
C LEU A 232 5.20 -14.90 -11.03
N GLU A 233 5.57 -14.15 -12.06
CA GLU A 233 6.82 -14.40 -12.75
C GLU A 233 8.00 -14.09 -11.83
N LYS A 234 7.88 -13.05 -11.01
CA LYS A 234 9.01 -12.68 -10.15
C LYS A 234 9.08 -13.55 -8.91
N THR A 235 7.94 -14.01 -8.37
CA THR A 235 7.94 -14.83 -7.16
C THR A 235 8.12 -16.31 -7.45
N GLN A 236 8.50 -16.67 -8.68
CA GLN A 236 8.82 -18.06 -9.03
C GLN A 236 10.03 -18.10 -9.96
C1 CIT B . -12.27 -3.48 9.36
O1 CIT B . -11.48 -4.37 9.76
O2 CIT B . -12.52 -2.49 10.08
C2 CIT B . -12.93 -3.60 8.02
C3 CIT B . -14.29 -4.27 8.19
O7 CIT B . -15.11 -3.41 9.02
C4 CIT B . -14.93 -4.41 6.81
C5 CIT B . -16.21 -5.17 6.89
O3 CIT B . -16.44 -6.09 6.07
O4 CIT B . -17.06 -4.92 7.78
C6 CIT B . -14.14 -5.62 8.88
O5 CIT B . -14.08 -6.69 8.22
O6 CIT B . -14.05 -5.69 10.13
C22 OTX C . 1.66 10.61 -2.18
C33 OTX C . -2.85 11.34 -2.07
C32 OTX C . -3.49 10.17 -2.47
C21 OTX C . 3.01 10.47 -1.83
C8 OTX C . 5.72 12.12 1.93
C5 OTX C . 6.24 12.22 5.10
C11 OTX C . 5.53 9.93 2.16
C36 OTX C . -0.94 13.71 -2.02
C24 OTX C . 1.07 9.40 -0.23
C23 OTX C . 0.66 10.06 -1.37
C7 OTX C . 5.89 11.06 2.85
C27 OTX C . -0.76 10.15 -1.74
C34 OTX C . -1.50 11.33 -1.71
C28 OTX C . -1.40 8.98 -2.14
C30 OTX C . -2.76 8.99 -2.50
C6 OTX C . 6.33 11.14 4.24
C20 OTX C . 3.34 9.79 -0.66
C37 OTX C . -0.31 14.58 -1.17
C1 OTX C . 7.20 8.82 4.60
C14 OTX C . 5.76 9.67 -1.32
C15 OTX C . 7.15 9.36 -0.81
C12 OTX C . 4.75 9.56 -0.20
C17 OTX C . 8.28 7.70 0.45
N4 OTX C . 6.76 11.87 6.32
N9 OTX C . 5.29 11.70 0.73
N39 OTX C . 0.07 13.92 -0.04
N3 OTX C . 7.17 10.61 6.25
N40 OTX C . -0.31 12.65 -0.14
N35 OTX C . -0.92 12.53 -1.34
N10 OTX C . 5.19 10.37 0.91
N2 OTX C . 6.90 10.18 5.01
N25 OTX C . 2.37 9.29 0.11
O26 OTX C . 2.68 8.66 1.16
O16 OTX C . 7.09 8.07 -0.22
F29 OTX C . -0.72 7.84 -2.18
F18 OTX C . 8.60 8.73 1.26
F19 OTX C . 9.27 7.59 -0.49
CL31 OTX C . -3.51 7.53 -2.99
CL38 OTX C . 0.01 16.23 -1.41
#